data_6YQ0
#
_entry.id   6YQ0
#
_cell.length_a   88.104
_cell.length_b   60.379
_cell.length_c   88.221
_cell.angle_alpha   90.000
_cell.angle_beta   102.415
_cell.angle_gamma   90.000
#
_symmetry.space_group_name_H-M   'I 1 2 1'
#
loop_
_entity.id
_entity.type
_entity.pdbx_description
1 polymer Monooxygenase
2 non-polymer 1,2-ETHANEDIOL
3 non-polymer 'NADP NICOTINAMIDE-ADENINE-DINUCLEOTIDE PHOSPHATE'
4 non-polymer (3~{R})-8-methoxy-3-methyl-3-oxidanyl-2,4-dihydrobenzo[a]anthracene-1,7,12-trione
5 water water
#
_entity_poly.entity_id   1
_entity_poly.type   'polypeptide(L)'
_entity_poly.pdbx_seq_one_letter_code
;MSRLTGKNALVTGSSRGIGRATAVRLAREGALVAVHYASNEAAADETVAQIEREGGRAFPVRAELGVAGDVHELFLGLEQ
GLKERTGETTLDILVNNAAVTGVDGILPEDVTAEQLDRYYAVNAKAPFLLVQRAVRNMPDGGRIINISSGLTRCAVPEQV
AYSMTKGALEQITLHMAKHLAPRGITVNSVAPGITDNGGAVFDIPEIVEQMAQSSAFKRVGEAGDVADVVTFIATDESRW
ITGAFIDASGGTLLG
;
_entity_poly.pdbx_strand_id   AAA,BBB
#
loop_
_chem_comp.id
_chem_comp.type
_chem_comp.name
_chem_comp.formula
EDO non-polymer 1,2-ETHANEDIOL 'C2 H6 O2'
NAP non-polymer 'NADP NICOTINAMIDE-ADENINE-DINUCLEOTIDE PHOSPHATE' 'C21 H28 N7 O17 P3'
P7K non-polymer (3~{R})-8-methoxy-3-methyl-3-oxidanyl-2,4-dihydrobenzo[a]anthracene-1,7,12-trione 'C20 H16 O5'
#
# COMPACT_ATOMS: atom_id res chain seq x y z
N SER A 2 -5.81 13.02 12.54
CA SER A 2 -6.63 12.25 13.45
C SER A 2 -7.62 11.38 12.69
N ARG A 3 -7.08 10.45 11.95
CA ARG A 3 -7.88 9.61 11.06
C ARG A 3 -8.55 8.46 11.78
N LEU A 4 -8.21 8.20 13.04
CA LEU A 4 -8.76 7.04 13.76
C LEU A 4 -9.46 7.47 15.06
N THR A 5 -9.97 8.69 15.11
CA THR A 5 -10.81 9.14 16.25
C THR A 5 -11.97 8.19 16.48
N GLY A 6 -12.14 7.81 17.72
CA GLY A 6 -13.23 6.94 18.12
C GLY A 6 -13.04 5.49 17.80
N LYS A 7 -11.89 5.11 17.25
CA LYS A 7 -11.59 3.70 16.95
C LYS A 7 -10.77 3.04 18.06
N ASN A 8 -10.95 1.72 18.18
CA ASN A 8 -10.23 0.89 19.12
C ASN A 8 -9.37 -0.07 18.33
N ALA A 9 -8.09 -0.23 18.74
CA ALA A 9 -7.14 -1.08 18.04
C ALA A 9 -6.44 -2.00 19.00
N LEU A 10 -6.15 -3.20 18.56
CA LEU A 10 -5.30 -4.14 19.25
C LEU A 10 -4.06 -4.35 18.42
N VAL A 11 -2.88 -4.07 18.95
CA VAL A 11 -1.62 -4.41 18.27
C VAL A 11 -0.97 -5.50 19.09
N THR A 12 -0.93 -6.73 18.59
CA THR A 12 -0.25 -7.77 19.37
C THR A 12 1.23 -7.50 19.36
N GLY A 13 1.91 -7.84 20.44
CA GLY A 13 3.36 -7.65 20.53
C GLY A 13 3.78 -6.22 20.31
N SER A 14 3.15 -5.31 21.07
CA SER A 14 3.45 -3.86 20.96
C SER A 14 4.23 -3.34 22.16
N SER A 15 4.82 -4.21 22.93
CA SER A 15 5.80 -3.79 23.96
C SER A 15 7.05 -3.25 23.32
N ARG A 16 7.40 -3.64 22.12
CA ARG A 16 8.72 -3.29 21.56
C ARG A 16 8.67 -3.35 20.04
N GLY A 17 9.71 -2.84 19.41
CA GLY A 17 9.94 -3.05 17.99
C GLY A 17 8.88 -2.44 17.12
N ILE A 18 8.57 -3.11 16.02
CA ILE A 18 7.57 -2.60 15.07
C ILE A 18 6.21 -2.45 15.73
N GLY A 19 5.85 -3.35 16.60
CA GLY A 19 4.56 -3.24 17.28
C GLY A 19 4.46 -2.01 18.18
N ARG A 20 5.51 -1.68 18.88
CA ARG A 20 5.51 -0.41 19.65
C ARG A 20 5.31 0.77 18.71
N ALA A 21 6.07 0.82 17.61
CA ALA A 21 6.00 1.96 16.71
C ALA A 21 4.59 2.04 16.13
N THR A 22 3.98 0.91 15.85
CA THR A 22 2.62 0.85 15.32
C THR A 22 1.60 1.36 16.34
N ALA A 23 1.68 0.84 17.54
CA ALA A 23 0.78 1.32 18.60
C ALA A 23 0.89 2.83 18.77
N VAL A 24 2.09 3.34 18.80
CA VAL A 24 2.31 4.79 18.97
C VAL A 24 1.63 5.53 17.85
N ARG A 25 1.81 5.11 16.60
CA ARG A 25 1.20 5.82 15.47
C ARG A 25 -0.30 5.69 15.43
N LEU A 26 -0.87 4.54 15.73
CA LEU A 26 -2.32 4.43 15.75
C LEU A 26 -2.89 5.35 16.83
N ALA A 27 -2.24 5.44 17.98
CA ALA A 27 -2.72 6.33 19.04
C ALA A 27 -2.58 7.79 18.64
N ARG A 28 -1.57 8.17 17.91
CA ARG A 28 -1.45 9.58 17.43
C ARG A 28 -2.60 9.91 16.52
N GLU A 29 -3.18 8.95 15.83
CA GLU A 29 -4.32 9.14 14.92
C GLU A 29 -5.65 9.16 15.67
N GLY A 30 -5.59 8.93 17.00
CA GLY A 30 -6.77 9.02 17.84
C GLY A 30 -7.32 7.67 18.30
N ALA A 31 -6.70 6.53 17.90
CA ALA A 31 -7.23 5.25 18.35
C ALA A 31 -6.92 5.00 19.84
N LEU A 32 -7.82 4.33 20.50
CA LEU A 32 -7.55 3.75 21.82
C LEU A 32 -6.83 2.44 21.54
N VAL A 33 -5.61 2.25 22.06
CA VAL A 33 -4.79 1.11 21.67
C VAL A 33 -4.57 0.16 22.85
N ALA A 34 -4.89 -1.09 22.64
CA ALA A 34 -4.53 -2.18 23.55
C ALA A 34 -3.13 -2.65 23.19
N VAL A 35 -2.18 -2.44 24.10
CA VAL A 35 -0.76 -2.76 23.96
C VAL A 35 -0.54 -4.12 24.53
N HIS A 36 -0.46 -5.12 23.67
CA HIS A 36 -0.36 -6.52 24.08
C HIS A 36 1.11 -6.95 24.15
N TYR A 37 1.40 -7.82 25.11
CA TYR A 37 2.72 -8.38 25.32
C TYR A 37 2.59 -9.72 25.98
N ALA A 38 3.70 -10.43 26.10
CA ALA A 38 3.72 -11.73 26.75
C ALA A 38 4.43 -11.65 28.07
N SER A 39 5.63 -11.15 28.10
CA SER A 39 6.55 -11.24 29.25
C SER A 39 7.09 -9.87 29.64
N ASN A 40 7.39 -8.97 28.72
CA ASN A 40 8.18 -7.76 29.02
C ASN A 40 7.18 -6.65 29.42
N GLU A 41 6.75 -6.70 30.68
CA GLU A 41 5.74 -5.77 31.19
C GLU A 41 6.35 -4.36 31.21
N ALA A 42 7.59 -4.19 31.56
CA ALA A 42 8.20 -2.85 31.61
C ALA A 42 8.15 -2.23 30.21
N ALA A 43 8.47 -3.04 29.18
CA ALA A 43 8.45 -2.50 27.83
C ALA A 43 7.03 -2.14 27.41
N ALA A 44 6.05 -2.97 27.74
CA ALA A 44 4.64 -2.62 27.48
C ALA A 44 4.25 -1.33 28.16
N ASP A 45 4.68 -1.18 29.42
CA ASP A 45 4.38 0.04 30.19
C ASP A 45 5.06 1.22 29.54
N GLU A 46 6.22 1.07 28.94
CA GLU A 46 6.90 2.17 28.25
C GLU A 46 6.18 2.56 26.95
N THR A 47 5.63 1.58 26.20
CA THR A 47 4.79 1.92 25.05
C THR A 47 3.60 2.76 25.53
N VAL A 48 2.90 2.26 26.52
CA VAL A 48 1.70 2.99 27.05
C VAL A 48 2.09 4.37 27.54
N ALA A 49 3.20 4.48 28.24
CA ALA A 49 3.62 5.79 28.76
C ALA A 49 3.92 6.72 27.61
N GLN A 50 4.55 6.27 26.53
CA GLN A 50 4.76 7.17 25.38
C GLN A 50 3.42 7.62 24.81
N ILE A 51 2.49 6.73 24.63
CA ILE A 51 1.18 7.09 24.11
C ILE A 51 0.49 8.12 25.00
N GLU A 52 0.53 7.90 26.30
CA GLU A 52 -0.12 8.84 27.25
C GLU A 52 0.59 10.20 27.22
N ARG A 53 1.89 10.24 27.16
CA ARG A 53 2.58 11.55 27.10
C ARG A 53 2.30 12.27 25.81
N GLU A 54 2.06 11.53 24.73
CA GLU A 54 1.73 12.17 23.42
C GLU A 54 0.24 12.49 23.37
N GLY A 55 -0.51 12.37 24.43
CA GLY A 55 -1.90 12.81 24.42
C GLY A 55 -2.93 11.78 24.00
N GLY A 56 -2.50 10.52 23.87
CA GLY A 56 -3.40 9.46 23.43
C GLY A 56 -3.84 8.61 24.57
N ARG A 57 -4.44 7.48 24.23
CA ARG A 57 -5.01 6.55 25.19
C ARG A 57 -4.56 5.14 24.86
N ALA A 58 -4.19 4.41 25.89
CA ALA A 58 -3.73 3.01 25.69
C ALA A 58 -3.76 2.28 27.00
N PHE A 59 -3.70 0.97 26.94
CA PHE A 59 -3.61 0.13 28.14
C PHE A 59 -2.94 -1.16 27.84
N PRO A 60 -2.23 -1.77 28.78
CA PRO A 60 -1.54 -3.02 28.47
C PRO A 60 -2.46 -4.22 28.62
N VAL A 61 -2.21 -5.26 27.84
CA VAL A 61 -2.89 -6.56 27.93
C VAL A 61 -1.84 -7.66 27.87
N ARG A 62 -1.73 -8.47 28.88
CA ARG A 62 -0.77 -9.55 28.91
C ARG A 62 -1.43 -10.85 28.41
N ALA A 63 -0.81 -11.53 27.47
CA ALA A 63 -1.25 -12.89 27.14
C ALA A 63 -0.15 -13.57 26.39
N GLU A 64 0.39 -14.66 26.90
CA GLU A 64 1.31 -15.56 26.15
CA GLU A 64 1.32 -15.44 26.07
C GLU A 64 0.50 -16.21 25.02
N LEU A 65 0.86 -16.03 23.78
CA LEU A 65 0.22 -16.70 22.67
C LEU A 65 0.95 -18.05 22.44
N GLY A 66 0.21 -18.94 21.86
CA GLY A 66 0.69 -20.27 21.52
C GLY A 66 0.55 -21.26 22.62
N VAL A 67 -0.26 -20.99 23.65
CA VAL A 67 -0.56 -21.91 24.76
C VAL A 67 -2.06 -21.94 24.95
N ALA A 68 -2.56 -23.02 25.52
CA ALA A 68 -3.97 -23.13 25.85
C ALA A 68 -4.47 -21.91 26.64
N GLY A 69 -5.60 -21.41 26.13
CA GLY A 69 -6.31 -20.29 26.78
C GLY A 69 -5.78 -18.94 26.34
N ASP A 70 -4.89 -18.88 25.39
CA ASP A 70 -4.26 -17.58 24.97
C ASP A 70 -5.28 -16.57 24.47
N VAL A 71 -6.10 -16.97 23.51
CA VAL A 71 -7.05 -16.03 22.91
C VAL A 71 -8.04 -15.58 23.98
N HIS A 72 -8.50 -16.53 24.80
CA HIS A 72 -9.42 -16.19 25.88
C HIS A 72 -8.80 -15.14 26.82
N GLU A 73 -7.58 -15.39 27.23
CA GLU A 73 -6.89 -14.46 28.17
CA GLU A 73 -6.92 -14.45 28.18
C GLU A 73 -6.73 -13.08 27.55
N LEU A 74 -6.34 -13.05 26.30
CA LEU A 74 -6.14 -11.74 25.64
C LEU A 74 -7.47 -11.01 25.59
N PHE A 75 -8.53 -11.69 25.15
CA PHE A 75 -9.84 -11.01 25.02
C PHE A 75 -10.42 -10.65 26.37
N LEU A 76 -10.14 -11.35 27.43
CA LEU A 76 -10.63 -10.93 28.76
C LEU A 76 -10.08 -9.55 29.05
N GLY A 77 -8.78 -9.37 28.92
CA GLY A 77 -8.12 -8.12 29.26
C GLY A 77 -8.48 -7.03 28.27
N LEU A 78 -8.56 -7.37 26.98
CA LEU A 78 -8.98 -6.40 25.96
C LEU A 78 -10.37 -5.86 26.26
N GLU A 79 -11.35 -6.80 26.43
CA GLU A 79 -12.75 -6.33 26.60
C GLU A 79 -12.88 -5.55 27.90
N GLN A 80 -12.24 -5.98 28.96
CA GLN A 80 -12.36 -5.21 30.22
C GLN A 80 -11.81 -3.84 30.01
N GLY A 81 -10.66 -3.68 29.38
CA GLY A 81 -10.05 -2.35 29.19
C GLY A 81 -10.86 -1.49 28.28
N LEU A 82 -11.41 -2.05 27.20
CA LEU A 82 -12.22 -1.26 26.28
C LEU A 82 -13.47 -0.83 27.02
N LYS A 83 -14.13 -1.73 27.72
CA LYS A 83 -15.42 -1.39 28.38
C LYS A 83 -15.16 -0.30 29.44
N GLU A 84 -14.15 -0.41 30.19
CA GLU A 84 -13.92 0.61 31.25
C GLU A 84 -13.72 1.97 30.57
N ARG A 85 -13.09 2.06 29.41
CA ARG A 85 -12.72 3.35 28.80
C ARG A 85 -13.77 3.86 27.82
N THR A 86 -14.71 3.05 27.34
CA THR A 86 -15.65 3.41 26.26
C THR A 86 -17.09 2.96 26.56
N GLY A 87 -17.30 2.03 27.44
CA GLY A 87 -18.61 1.40 27.62
C GLY A 87 -18.87 0.30 26.65
N GLU A 88 -17.98 0.06 25.67
CA GLU A 88 -18.20 -0.89 24.59
C GLU A 88 -16.97 -1.80 24.48
N THR A 89 -17.14 -2.86 23.71
CA THR A 89 -16.04 -3.77 23.43
C THR A 89 -15.68 -3.82 21.96
N THR A 90 -16.11 -2.88 21.19
CA THR A 90 -15.89 -2.78 19.74
C THR A 90 -14.39 -2.84 19.45
N LEU A 91 -13.99 -3.64 18.48
CA LEU A 91 -12.60 -3.75 18.01
C LEU A 91 -12.58 -3.40 16.55
N ASP A 92 -12.09 -2.21 16.21
CA ASP A 92 -12.04 -1.75 14.83
C ASP A 92 -10.86 -2.33 14.06
N ILE A 93 -9.71 -2.45 14.72
CA ILE A 93 -8.43 -2.77 14.07
C ILE A 93 -7.77 -3.86 14.85
N LEU A 94 -7.34 -4.94 14.17
CA LEU A 94 -6.49 -5.98 14.72
C LEU A 94 -5.20 -6.00 13.93
N VAL A 95 -4.06 -5.81 14.58
CA VAL A 95 -2.74 -6.00 13.94
C VAL A 95 -2.10 -7.22 14.56
N ASN A 96 -1.97 -8.28 13.75
CA ASN A 96 -1.26 -9.50 14.15
C ASN A 96 0.24 -9.30 13.93
N ASN A 97 0.89 -8.73 14.91
CA ASN A 97 2.28 -8.35 14.87
C ASN A 97 3.18 -9.23 15.67
N ALA A 98 2.71 -9.70 16.85
CA ALA A 98 3.53 -10.54 17.74
C ALA A 98 4.02 -11.75 16.99
N ALA A 99 5.20 -12.22 17.29
CA ALA A 99 5.72 -13.43 16.67
C ALA A 99 6.88 -13.94 17.47
N VAL A 100 7.15 -15.23 17.29
CA VAL A 100 8.44 -15.86 17.61
C VAL A 100 9.32 -15.54 16.42
N THR A 101 10.27 -14.68 16.66
CA THR A 101 10.90 -13.91 15.56
C THR A 101 12.29 -13.48 15.96
N GLY A 102 12.98 -14.35 16.67
CA GLY A 102 14.37 -14.07 17.03
C GLY A 102 15.28 -13.85 15.83
N VAL A 103 16.33 -13.00 15.93
CA VAL A 103 17.30 -12.79 14.84
C VAL A 103 18.31 -13.94 14.67
N ASP A 104 18.51 -14.78 15.68
CA ASP A 104 19.37 -15.94 15.53
C ASP A 104 18.77 -16.90 14.46
N GLY A 105 19.62 -17.38 13.61
CA GLY A 105 19.13 -18.39 12.61
C GLY A 105 18.93 -19.76 13.26
N ILE A 106 18.25 -20.66 12.59
CA ILE A 106 18.34 -22.12 12.84
C ILE A 106 18.52 -22.75 11.49
N LEU A 107 19.65 -23.25 11.16
CA LEU A 107 19.86 -23.87 9.87
C LEU A 107 19.03 -25.16 9.82
N PRO A 108 18.66 -25.60 8.59
CA PRO A 108 17.70 -26.68 8.43
C PRO A 108 18.10 -27.94 9.17
N GLU A 109 19.38 -28.27 9.21
CA GLU A 109 19.84 -29.51 9.86
C GLU A 109 19.57 -29.49 11.36
N ASP A 110 19.40 -28.33 11.96
CA ASP A 110 19.31 -28.18 13.41
C ASP A 110 17.90 -27.97 13.87
N VAL A 111 16.92 -27.72 13.00
CA VAL A 111 15.55 -27.42 13.41
C VAL A 111 15.00 -28.64 14.16
N THR A 112 14.26 -28.40 15.23
CA THR A 112 13.58 -29.47 15.97
C THR A 112 12.08 -29.46 15.74
N ALA A 113 11.36 -30.53 15.96
CA ALA A 113 9.90 -30.62 15.91
C ALA A 113 9.28 -29.61 16.88
N GLU A 114 9.88 -29.41 18.02
CA GLU A 114 9.27 -28.50 19.00
C GLU A 114 9.48 -27.07 18.52
N GLN A 115 10.56 -26.72 17.84
CA GLN A 115 10.65 -25.36 17.26
C GLN A 115 9.64 -25.21 16.19
N LEU A 116 9.40 -26.16 15.33
CA LEU A 116 8.34 -26.04 14.31
C LEU A 116 7.04 -25.77 15.04
N ASP A 117 6.80 -26.45 16.14
CA ASP A 117 5.54 -26.29 16.86
C ASP A 117 5.45 -24.88 17.46
N ARG A 118 6.49 -24.41 18.03
CA ARG A 118 6.46 -23.09 18.74
C ARG A 118 6.27 -21.97 17.74
N TYR A 119 7.06 -21.98 16.66
CA TYR A 119 6.81 -20.98 15.60
C TYR A 119 5.40 -21.07 15.08
N TYR A 120 4.89 -22.22 14.78
CA TYR A 120 3.60 -22.24 14.16
CA TYR A 120 3.52 -22.43 14.20
C TYR A 120 2.50 -21.84 15.18
N ALA A 121 2.62 -22.27 16.40
CA ALA A 121 1.61 -21.95 17.42
C ALA A 121 1.44 -20.44 17.55
N VAL A 122 2.53 -19.74 17.61
CA VAL A 122 2.52 -18.30 17.84
C VAL A 122 2.23 -17.53 16.55
N ASN A 123 2.85 -17.97 15.44
CA ASN A 123 2.96 -17.11 14.24
C ASN A 123 1.84 -17.39 13.22
N ALA A 124 1.20 -18.55 13.31
CA ALA A 124 0.18 -18.95 12.32
C ALA A 124 -1.12 -19.31 13.01
N LYS A 125 -1.09 -20.27 13.94
CA LYS A 125 -2.31 -20.70 14.64
C LYS A 125 -2.91 -19.55 15.43
N ALA A 126 -2.12 -18.90 16.27
CA ALA A 126 -2.70 -17.83 17.10
C ALA A 126 -3.26 -16.72 16.25
N PRO A 127 -2.60 -16.22 15.19
CA PRO A 127 -3.26 -15.22 14.36
C PRO A 127 -4.58 -15.67 13.79
N PHE A 128 -4.67 -16.94 13.34
CA PHE A 128 -5.94 -17.42 12.80
C PHE A 128 -7.02 -17.33 13.87
N LEU A 129 -6.73 -17.86 15.05
CA LEU A 129 -7.75 -17.90 16.11
C LEU A 129 -8.06 -16.51 16.65
N LEU A 130 -7.10 -15.60 16.60
CA LEU A 130 -7.33 -14.20 16.97
C LEU A 130 -8.23 -13.54 15.96
N VAL A 131 -8.06 -13.76 14.68
CA VAL A 131 -8.98 -13.23 13.67
C VAL A 131 -10.40 -13.76 13.94
N GLN A 132 -10.50 -15.08 14.17
CA GLN A 132 -11.81 -15.71 14.36
C GLN A 132 -12.53 -15.04 15.54
N ARG A 133 -11.83 -14.79 16.63
CA ARG A 133 -12.44 -14.18 17.83
C ARG A 133 -12.68 -12.70 17.62
N ALA A 134 -11.77 -12.00 16.99
CA ALA A 134 -11.80 -10.54 16.83
C ALA A 134 -13.01 -10.15 16.00
N VAL A 135 -13.35 -10.90 14.99
CA VAL A 135 -14.44 -10.42 14.09
C VAL A 135 -15.75 -10.35 14.80
N ARG A 136 -15.90 -11.09 15.93
CA ARG A 136 -17.16 -11.00 16.68
C ARG A 136 -17.42 -9.58 17.13
N ASN A 137 -16.35 -8.88 17.43
CA ASN A 137 -16.35 -7.58 18.03
C ASN A 137 -16.18 -6.47 16.97
N MET A 138 -16.00 -6.80 15.70
CA MET A 138 -15.50 -5.87 14.70
C MET A 138 -16.63 -5.39 13.81
N PRO A 139 -16.82 -4.10 13.67
CA PRO A 139 -17.91 -3.60 12.84
C PRO A 139 -17.56 -3.68 11.40
N ASP A 140 -18.62 -3.63 10.62
CA ASP A 140 -18.41 -3.54 9.20
C ASP A 140 -17.52 -2.36 8.92
N GLY A 141 -16.49 -2.60 8.08
CA GLY A 141 -15.60 -1.50 7.87
C GLY A 141 -14.21 -1.60 8.65
N GLY A 142 -14.02 -2.65 9.40
CA GLY A 142 -12.84 -2.94 10.21
C GLY A 142 -11.63 -3.31 9.37
N ARG A 143 -10.53 -3.52 10.09
CA ARG A 143 -9.23 -3.76 9.49
C ARG A 143 -8.53 -4.90 10.21
N ILE A 144 -8.03 -5.86 9.47
CA ILE A 144 -7.14 -6.91 9.97
C ILE A 144 -5.86 -6.82 9.19
N ILE A 145 -4.76 -6.69 9.89
CA ILE A 145 -3.45 -6.45 9.26
C ILE A 145 -2.51 -7.52 9.84
N ASN A 146 -2.02 -8.38 8.97
CA ASN A 146 -1.07 -9.44 9.34
C ASN A 146 0.33 -9.04 9.01
N ILE A 147 1.23 -9.01 9.99
CA ILE A 147 2.62 -8.63 9.75
C ILE A 147 3.37 -9.90 9.36
N SER A 148 3.79 -9.96 8.09
CA SER A 148 4.49 -11.11 7.53
C SER A 148 6.00 -10.85 7.55
N SER A 149 6.68 -11.21 6.46
CA SER A 149 8.09 -10.99 6.29
C SER A 149 8.39 -11.09 4.82
N GLY A 150 9.33 -10.30 4.33
CA GLY A 150 9.85 -10.52 2.99
C GLY A 150 10.51 -11.85 2.77
N LEU A 151 10.82 -12.57 3.83
CA LEU A 151 11.38 -13.94 3.70
C LEU A 151 10.40 -14.88 3.02
N THR A 152 9.10 -14.58 2.90
CA THR A 152 8.26 -15.48 2.12
C THR A 152 8.55 -15.39 0.66
N ARG A 153 9.36 -14.41 0.23
CA ARG A 153 9.73 -14.17 -1.17
CA ARG A 153 9.75 -14.21 -1.17
C ARG A 153 11.24 -14.19 -1.34
N CYS A 154 12.06 -14.47 -0.36
CA CYS A 154 13.52 -14.40 -0.45
CA CYS A 154 13.55 -14.37 -0.41
C CYS A 154 14.12 -15.52 0.37
N ALA A 155 14.83 -16.44 -0.31
CA ALA A 155 15.31 -17.64 0.36
C ALA A 155 16.41 -17.30 1.37
N VAL A 156 16.26 -17.79 2.58
CA VAL A 156 17.23 -17.66 3.67
C VAL A 156 17.14 -18.93 4.48
N PRO A 157 18.02 -19.89 4.19
CA PRO A 157 17.90 -21.22 4.85
C PRO A 157 17.80 -21.17 6.37
N GLU A 158 18.55 -20.27 7.01
CA GLU A 158 18.58 -20.23 8.46
C GLU A 158 17.29 -19.66 9.05
N GLN A 159 16.32 -19.31 8.20
CA GLN A 159 14.99 -18.87 8.70
C GLN A 159 13.92 -19.71 8.07
N VAL A 160 14.19 -20.95 7.65
CA VAL A 160 13.14 -21.79 7.08
C VAL A 160 11.98 -22.01 8.00
N ALA A 161 12.25 -22.29 9.28
CA ALA A 161 11.14 -22.62 10.20
C ALA A 161 10.26 -21.40 10.40
N TYR A 162 10.84 -20.27 10.68
CA TYR A 162 10.08 -19.00 10.79
C TYR A 162 9.29 -18.73 9.51
N SER A 163 9.96 -18.91 8.36
CA SER A 163 9.34 -18.53 7.08
C SER A 163 8.13 -19.40 6.75
N MET A 164 8.19 -20.70 7.11
CA MET A 164 7.02 -21.55 6.93
C MET A 164 5.82 -20.93 7.57
N THR A 165 5.96 -20.40 8.78
CA THR A 165 4.84 -19.85 9.52
C THR A 165 4.33 -18.56 8.93
N LYS A 166 5.20 -17.75 8.34
CA LYS A 166 4.76 -16.57 7.62
C LYS A 166 4.07 -16.94 6.33
N GLY A 167 4.45 -18.00 5.68
CA GLY A 167 3.71 -18.48 4.53
C GLY A 167 2.32 -18.86 4.91
N ALA A 168 2.16 -19.52 6.05
CA ALA A 168 0.81 -19.86 6.54
C ALA A 168 0.03 -18.60 6.89
N LEU A 169 0.65 -17.64 7.53
CA LEU A 169 -0.01 -16.39 7.89
C LEU A 169 -0.55 -15.71 6.66
N GLU A 170 0.21 -15.67 5.57
CA GLU A 170 -0.25 -14.97 4.36
C GLU A 170 -1.47 -15.69 3.74
N GLN A 171 -1.65 -16.99 3.97
CA GLN A 171 -2.87 -17.66 3.55
C GLN A 171 -4.07 -17.18 4.36
N ILE A 172 -3.86 -16.85 5.62
CA ILE A 172 -4.96 -16.21 6.37
C ILE A 172 -5.42 -14.94 5.65
N THR A 173 -4.46 -14.12 5.24
CA THR A 173 -4.79 -12.92 4.46
C THR A 173 -5.63 -13.23 3.26
N LEU A 174 -5.17 -14.15 2.43
CA LEU A 174 -5.84 -14.41 1.13
C LEU A 174 -7.25 -14.89 1.34
N HIS A 175 -7.44 -15.95 2.14
CA HIS A 175 -8.74 -16.62 2.22
C HIS A 175 -9.66 -15.83 3.11
N MET A 176 -9.17 -15.24 4.20
CA MET A 176 -10.07 -14.44 5.04
C MET A 176 -10.42 -13.12 4.40
N ALA A 177 -9.62 -12.55 3.51
CA ALA A 177 -10.05 -11.34 2.81
C ALA A 177 -11.31 -11.64 2.02
N LYS A 178 -11.35 -12.76 1.32
CA LYS A 178 -12.55 -13.12 0.56
CA LYS A 178 -12.56 -13.09 0.56
C LYS A 178 -13.71 -13.35 1.53
N HIS A 179 -13.45 -14.07 2.62
CA HIS A 179 -14.54 -14.43 3.55
C HIS A 179 -15.20 -13.17 4.17
N LEU A 180 -14.38 -12.18 4.51
CA LEU A 180 -14.82 -11.03 5.29
C LEU A 180 -15.21 -9.83 4.42
N ALA A 181 -14.94 -9.91 3.13
CA ALA A 181 -15.34 -8.79 2.21
C ALA A 181 -16.81 -8.40 2.33
N PRO A 182 -17.77 -9.32 2.47
CA PRO A 182 -19.17 -8.87 2.55
C PRO A 182 -19.42 -7.99 3.75
N ARG A 183 -18.60 -8.06 4.78
CA ARG A 183 -18.71 -7.17 5.95
CA ARG A 183 -18.69 -7.20 5.98
C ARG A 183 -17.90 -5.89 5.77
N GLY A 184 -17.22 -5.72 4.66
CA GLY A 184 -16.40 -4.51 4.48
C GLY A 184 -15.23 -4.54 5.46
N ILE A 185 -14.78 -5.68 5.94
CA ILE A 185 -13.53 -5.79 6.74
C ILE A 185 -12.43 -6.15 5.76
N THR A 186 -11.39 -5.37 5.71
CA THR A 186 -10.24 -5.69 4.84
C THR A 186 -9.24 -6.50 5.63
N VAL A 187 -8.53 -7.34 4.88
CA VAL A 187 -7.49 -8.22 5.47
C VAL A 187 -6.26 -8.14 4.59
N ASN A 188 -5.13 -7.72 5.09
CA ASN A 188 -3.95 -7.51 4.27
C ASN A 188 -2.71 -7.99 5.00
N SER A 189 -1.70 -8.34 4.25
CA SER A 189 -0.37 -8.64 4.78
C SER A 189 0.56 -7.46 4.59
N VAL A 190 1.34 -7.07 5.59
CA VAL A 190 2.40 -6.09 5.44
C VAL A 190 3.71 -6.80 5.71
N ALA A 191 4.62 -6.79 4.76
CA ALA A 191 5.86 -7.56 4.82
C ALA A 191 7.06 -6.65 5.06
N PRO A 192 7.60 -6.64 6.28
CA PRO A 192 8.86 -5.95 6.52
C PRO A 192 10.04 -6.67 5.92
N GLY A 193 11.14 -5.97 5.71
CA GLY A 193 12.45 -6.56 5.62
C GLY A 193 13.17 -6.43 6.92
N ILE A 194 14.50 -6.45 6.88
CA ILE A 194 15.28 -6.32 8.11
C ILE A 194 15.01 -4.95 8.70
N THR A 195 14.61 -4.93 9.96
CA THR A 195 14.12 -3.74 10.63
C THR A 195 14.66 -3.68 12.04
N ASP A 196 15.24 -2.52 12.37
CA ASP A 196 15.82 -2.27 13.72
C ASP A 196 14.72 -2.26 14.76
N ASN A 197 14.70 -3.27 15.58
CA ASN A 197 13.68 -3.48 16.64
C ASN A 197 14.26 -3.19 18.02
N GLY A 198 15.45 -2.61 18.09
CA GLY A 198 16.08 -2.31 19.39
C GLY A 198 16.95 -3.46 19.86
N GLY A 199 17.03 -4.59 19.21
CA GLY A 199 17.85 -5.70 19.66
C GLY A 199 19.30 -5.37 19.60
N ALA A 200 20.10 -6.15 20.36
CA ALA A 200 21.53 -5.88 20.44
C ALA A 200 22.23 -5.96 19.12
N VAL A 201 21.78 -6.76 18.19
CA VAL A 201 22.50 -6.86 16.89
C VAL A 201 22.54 -5.47 16.23
N PHE A 202 21.54 -4.63 16.46
CA PHE A 202 21.48 -3.33 15.75
C PHE A 202 22.46 -2.34 16.38
N ASP A 203 23.17 -2.72 17.45
CA ASP A 203 24.20 -1.86 18.12
C ASP A 203 25.55 -2.23 17.55
N ILE A 204 25.68 -3.12 16.59
CA ILE A 204 26.99 -3.55 16.04
C ILE A 204 27.06 -2.99 14.63
N PRO A 205 27.68 -1.77 14.43
CA PRO A 205 27.64 -1.09 13.13
C PRO A 205 28.08 -1.99 11.95
N GLU A 206 29.06 -2.88 12.17
CA GLU A 206 29.56 -3.78 11.10
C GLU A 206 28.46 -4.74 10.61
N ILE A 207 27.67 -5.30 11.52
CA ILE A 207 26.63 -6.29 11.17
C ILE A 207 25.48 -5.49 10.52
N VAL A 208 25.20 -4.33 11.06
CA VAL A 208 24.11 -3.49 10.48
C VAL A 208 24.48 -3.11 9.04
N GLU A 209 25.75 -2.92 8.74
CA GLU A 209 26.11 -2.55 7.36
C GLU A 209 25.98 -3.76 6.46
N GLN A 210 26.27 -4.97 6.92
CA GLN A 210 26.01 -6.19 6.15
C GLN A 210 24.50 -6.28 5.90
N MET A 211 23.70 -6.20 6.95
CA MET A 211 22.22 -6.32 6.86
C MET A 211 21.70 -5.28 5.87
N ALA A 212 22.21 -4.08 5.94
CA ALA A 212 21.74 -2.98 5.05
C ALA A 212 21.87 -3.33 3.57
N GLN A 213 22.79 -4.19 3.17
CA GLN A 213 23.01 -4.41 1.72
C GLN A 213 21.75 -5.05 1.09
N SER A 214 20.88 -5.71 1.87
CA SER A 214 19.66 -6.39 1.35
C SER A 214 18.67 -5.36 0.76
N SER A 215 18.72 -4.17 1.26
CA SER A 215 17.77 -3.10 0.81
C SER A 215 18.33 -2.34 -0.39
N ALA A 216 17.48 -1.95 -1.37
CA ALA A 216 17.87 -1.07 -2.44
C ALA A 216 18.35 0.28 -1.94
N PHE A 217 17.89 0.67 -0.77
CA PHE A 217 18.25 1.94 -0.11
C PHE A 217 19.53 1.79 0.72
N LYS A 218 20.04 0.60 0.86
CA LYS A 218 21.36 0.36 1.54
C LYS A 218 21.30 0.88 2.99
N ARG A 219 20.14 0.73 3.65
CA ARG A 219 20.05 0.93 5.10
C ARG A 219 19.06 -0.12 5.59
N VAL A 220 19.17 -0.42 6.88
CA VAL A 220 18.12 -1.23 7.53
C VAL A 220 16.86 -0.39 7.72
N GLY A 221 15.75 -1.03 7.84
CA GLY A 221 14.54 -0.32 8.12
C GLY A 221 14.50 0.19 9.55
N GLU A 222 13.80 1.27 9.77
CA GLU A 222 13.42 1.71 11.13
C GLU A 222 12.05 1.15 11.46
N ALA A 223 11.76 0.93 12.68
CA ALA A 223 10.45 0.45 13.06
C ALA A 223 9.36 1.34 12.49
N GLY A 224 9.56 2.65 12.51
CA GLY A 224 8.59 3.58 12.03
C GLY A 224 8.35 3.49 10.51
N ASP A 225 9.35 3.06 9.76
CA ASP A 225 9.16 2.89 8.31
C ASP A 225 8.09 1.87 8.05
N VAL A 226 8.08 0.79 8.78
CA VAL A 226 7.08 -0.27 8.61
C VAL A 226 5.76 0.19 9.24
N ALA A 227 5.83 0.77 10.46
CA ALA A 227 4.64 1.19 11.17
C ALA A 227 3.87 2.24 10.41
N ASP A 228 4.54 3.11 9.68
CA ASP A 228 3.83 4.12 8.87
C ASP A 228 2.94 3.44 7.82
N VAL A 229 3.40 2.33 7.25
CA VAL A 229 2.61 1.61 6.25
C VAL A 229 1.42 0.95 6.92
N VAL A 230 1.66 0.26 8.06
CA VAL A 230 0.54 -0.38 8.82
C VAL A 230 -0.51 0.66 9.15
N THR A 231 -0.06 1.83 9.60
CA THR A 231 -1.01 2.87 10.01
C THR A 231 -1.89 3.31 8.83
N PHE A 232 -1.28 3.50 7.64
CA PHE A 232 -2.11 3.82 6.49
C PHE A 232 -3.16 2.73 6.24
N ILE A 233 -2.73 1.46 6.28
CA ILE A 233 -3.68 0.37 6.01
C ILE A 233 -4.80 0.42 7.00
N ALA A 234 -4.57 0.82 8.25
CA ALA A 234 -5.62 0.91 9.27
C ALA A 234 -6.64 1.98 9.00
N THR A 235 -6.38 2.93 8.10
CA THR A 235 -7.24 4.08 7.85
C THR A 235 -8.30 3.80 6.81
N ASP A 236 -9.25 4.72 6.69
CA ASP A 236 -10.33 4.60 5.70
C ASP A 236 -9.79 4.60 4.29
N GLU A 237 -8.73 5.31 4.02
CA GLU A 237 -8.25 5.50 2.64
C GLU A 237 -7.64 4.25 2.02
N SER A 238 -7.48 3.18 2.77
CA SER A 238 -7.03 1.90 2.25
C SER A 238 -8.21 1.00 1.87
N ARG A 239 -9.44 1.50 1.90
CA ARG A 239 -10.64 0.64 1.78
C ARG A 239 -10.63 -0.25 0.57
N TRP A 240 -9.99 0.17 -0.50
CA TRP A 240 -10.01 -0.57 -1.77
C TRP A 240 -8.85 -1.54 -1.88
N ILE A 241 -8.09 -1.71 -0.82
CA ILE A 241 -6.99 -2.70 -0.74
C ILE A 241 -7.47 -3.83 0.18
N THR A 242 -7.64 -5.03 -0.34
CA THR A 242 -7.88 -6.20 0.50
C THR A 242 -7.26 -7.42 -0.13
N GLY A 243 -6.89 -8.37 0.72
CA GLY A 243 -6.25 -9.58 0.25
C GLY A 243 -4.87 -9.39 -0.28
N ALA A 244 -4.22 -8.31 0.01
CA ALA A 244 -2.99 -7.87 -0.64
C ALA A 244 -1.75 -8.19 0.17
N PHE A 245 -0.67 -8.33 -0.56
CA PHE A 245 0.68 -8.38 0.00
C PHE A 245 1.27 -6.99 -0.18
N ILE A 246 1.53 -6.28 0.89
CA ILE A 246 2.07 -4.93 0.86
C ILE A 246 3.54 -5.01 1.27
N ASP A 247 4.42 -4.68 0.32
CA ASP A 247 5.86 -4.72 0.53
C ASP A 247 6.31 -3.51 1.32
N ALA A 248 6.72 -3.69 2.54
CA ALA A 248 7.26 -2.64 3.41
C ALA A 248 8.70 -2.99 3.74
N SER A 249 9.49 -3.29 2.73
CA SER A 249 10.84 -3.86 2.92
C SER A 249 11.94 -2.92 2.52
N GLY A 250 11.68 -1.72 2.11
CA GLY A 250 12.75 -0.89 1.63
C GLY A 250 13.38 -1.45 0.34
N GLY A 251 12.63 -1.98 -0.55
CA GLY A 251 13.24 -2.40 -1.81
C GLY A 251 14.08 -3.65 -1.61
N THR A 252 13.78 -4.52 -0.72
CA THR A 252 14.54 -5.78 -0.55
C THR A 252 13.93 -6.87 -1.46
N LEU A 253 12.80 -6.72 -2.04
CA LEU A 253 12.02 -7.75 -2.81
C LEU A 253 12.13 -7.40 -4.28
N LEU A 254 13.27 -6.93 -4.73
CA LEU A 254 13.46 -6.63 -6.17
C LEU A 254 14.12 -7.81 -6.85
N GLY A 255 14.31 -8.96 -6.21
CA GLY A 255 14.95 -10.16 -6.79
C GLY A 255 16.45 -10.09 -6.66
N SER B 2 -2.22 18.19 4.92
CA SER B 2 -1.27 19.00 4.12
C SER B 2 0.08 18.29 3.95
N ARG B 3 0.05 17.08 3.50
CA ARG B 3 1.29 16.27 3.44
C ARG B 3 2.16 16.56 2.26
N LEU B 4 1.69 17.36 1.31
CA LEU B 4 2.46 17.65 0.07
C LEU B 4 2.68 19.13 -0.12
N THR B 5 2.66 19.92 0.95
CA THR B 5 2.96 21.37 0.84
C THR B 5 4.31 21.58 0.17
N GLY B 6 4.36 22.49 -0.79
CA GLY B 6 5.58 22.89 -1.47
C GLY B 6 6.02 21.89 -2.51
N LYS B 7 5.25 20.81 -2.77
CA LYS B 7 5.62 19.81 -3.79
C LYS B 7 4.89 20.07 -5.09
N ASN B 8 5.54 19.68 -6.17
CA ASN B 8 4.98 19.80 -7.53
C ASN B 8 4.71 18.42 -8.07
N ALA B 9 3.55 18.22 -8.68
CA ALA B 9 3.10 16.92 -9.19
C ALA B 9 2.61 17.02 -10.59
N LEU B 10 2.89 16.05 -11.41
CA LEU B 10 2.29 15.86 -12.75
C LEU B 10 1.45 14.63 -12.71
N VAL B 11 0.19 14.70 -13.03
CA VAL B 11 -0.68 13.51 -13.20
C VAL B 11 -1.04 13.45 -14.66
N THR B 12 -0.52 12.50 -15.39
CA THR B 12 -0.91 12.40 -16.77
C THR B 12 -2.36 11.97 -16.87
N GLY B 13 -3.07 12.47 -17.89
CA GLY B 13 -4.47 12.12 -18.08
C GLY B 13 -5.31 12.45 -16.86
N SER B 14 -5.24 13.69 -16.38
CA SER B 14 -6.03 14.09 -15.21
C SER B 14 -7.18 15.04 -15.54
N SER B 15 -7.53 15.12 -16.81
CA SER B 15 -8.78 15.79 -17.22
C SER B 15 -9.99 15.03 -16.77
N ARG B 16 -9.89 13.72 -16.54
CA ARG B 16 -11.06 12.86 -16.37
C ARG B 16 -10.73 11.72 -15.43
N GLY B 17 -11.70 11.02 -14.89
CA GLY B 17 -11.54 9.69 -14.35
C GLY B 17 -10.63 9.62 -13.19
N ILE B 18 -9.86 8.52 -13.07
CA ILE B 18 -8.94 8.31 -11.92
C ILE B 18 -7.94 9.44 -11.84
N GLY B 19 -7.45 9.88 -12.97
CA GLY B 19 -6.45 10.95 -12.99
C GLY B 19 -7.02 12.23 -12.40
N ARG B 20 -8.26 12.60 -12.75
CA ARG B 20 -8.86 13.79 -12.14
C ARG B 20 -8.97 13.61 -10.65
N ALA B 21 -9.41 12.44 -10.18
CA ALA B 21 -9.59 12.24 -8.75
C ALA B 21 -8.26 12.32 -8.03
N THR B 22 -7.21 11.83 -8.70
CA THR B 22 -5.84 11.87 -8.17
C THR B 22 -5.33 13.32 -8.07
N ALA B 23 -5.47 14.08 -9.16
CA ALA B 23 -5.06 15.47 -9.13
C ALA B 23 -5.76 16.23 -8.02
N VAL B 24 -7.05 16.00 -7.88
CA VAL B 24 -7.82 16.70 -6.82
C VAL B 24 -7.26 16.36 -5.48
N ARG B 25 -6.97 15.07 -5.20
CA ARG B 25 -6.49 14.68 -3.88
C ARG B 25 -5.06 15.15 -3.63
N LEU B 26 -4.18 15.12 -4.64
CA LEU B 26 -2.82 15.64 -4.42
C LEU B 26 -2.87 17.13 -4.12
N ALA B 27 -3.74 17.85 -4.81
CA ALA B 27 -3.87 19.31 -4.56
C ALA B 27 -4.44 19.59 -3.17
N ARG B 28 -5.34 18.75 -2.69
CA ARG B 28 -5.89 18.94 -1.29
C ARG B 28 -4.77 18.83 -0.29
N GLU B 29 -3.73 18.06 -0.57
CA GLU B 29 -2.54 17.89 0.30
C GLU B 29 -1.53 18.98 0.17
N GLY B 30 -1.78 19.93 -0.73
CA GLY B 30 -0.92 21.07 -0.93
C GLY B 30 -0.07 21.05 -2.14
N ALA B 31 -0.10 19.98 -2.95
CA ALA B 31 0.78 19.95 -4.12
C ALA B 31 0.28 20.96 -5.18
N LEU B 32 1.19 21.55 -5.92
CA LEU B 32 0.88 22.25 -7.18
C LEU B 32 0.76 21.18 -8.25
N VAL B 33 -0.39 21.06 -8.89
CA VAL B 33 -0.65 19.93 -9.80
C VAL B 33 -0.72 20.42 -11.23
N ALA B 34 0.07 19.80 -12.09
CA ALA B 34 -0.03 19.92 -13.54
C ALA B 34 -1.06 18.90 -14.00
N VAL B 35 -2.17 19.38 -14.54
CA VAL B 35 -3.32 18.60 -15.01
C VAL B 35 -3.14 18.39 -16.50
N HIS B 36 -2.66 17.24 -16.87
CA HIS B 36 -2.30 16.92 -18.25
C HIS B 36 -3.44 16.23 -18.95
N TYR B 37 -3.58 16.52 -20.22
CA TYR B 37 -4.62 15.97 -21.07
C TYR B 37 -4.11 15.91 -22.51
N ALA B 38 -4.84 15.20 -23.35
CA ALA B 38 -4.53 15.06 -24.78
C ALA B 38 -5.33 16.07 -25.59
N SER B 39 -6.62 16.07 -25.46
CA SER B 39 -7.45 16.97 -26.27
C SER B 39 -8.67 17.48 -25.56
N ASN B 40 -9.08 17.01 -24.43
CA ASN B 40 -10.28 17.53 -23.76
C ASN B 40 -9.92 18.68 -22.84
N GLU B 41 -9.70 19.85 -23.44
CA GLU B 41 -9.28 21.04 -22.69
C GLU B 41 -10.36 21.42 -21.68
N ALA B 42 -11.62 21.31 -22.09
CA ALA B 42 -12.69 21.72 -21.16
C ALA B 42 -12.63 20.87 -19.88
N ALA B 43 -12.42 19.54 -20.05
CA ALA B 43 -12.40 18.63 -18.90
C ALA B 43 -11.16 18.95 -18.03
N ALA B 44 -10.02 19.27 -18.65
CA ALA B 44 -8.84 19.66 -17.90
C ALA B 44 -9.12 20.93 -17.11
N ASP B 45 -9.75 21.91 -17.77
CA ASP B 45 -10.04 23.19 -17.11
C ASP B 45 -11.02 22.96 -15.94
N GLU B 46 -11.88 21.95 -16.03
CA GLU B 46 -12.78 21.60 -14.92
C GLU B 46 -12.04 20.95 -13.75
N THR B 47 -11.07 20.08 -14.00
CA THR B 47 -10.23 19.60 -12.90
C THR B 47 -9.57 20.80 -12.21
N VAL B 48 -8.92 21.65 -13.03
CA VAL B 48 -8.23 22.81 -12.42
C VAL B 48 -9.22 23.67 -11.62
N ALA B 49 -10.41 23.91 -12.19
CA ALA B 49 -11.38 24.78 -11.47
C ALA B 49 -11.81 24.13 -10.17
N GLN B 50 -11.98 22.84 -10.09
CA GLN B 50 -12.31 22.17 -8.82
C GLN B 50 -11.17 22.38 -7.85
N ILE B 51 -9.93 22.16 -8.26
CA ILE B 51 -8.78 22.30 -7.36
C ILE B 51 -8.73 23.73 -6.84
N GLU B 52 -8.92 24.70 -7.71
CA GLU B 52 -8.92 26.12 -7.26
C GLU B 52 -10.07 26.45 -6.28
N ARG B 53 -11.24 25.91 -6.51
CA ARG B 53 -12.41 26.18 -5.60
C ARG B 53 -12.11 25.56 -4.25
N GLU B 54 -11.43 24.43 -4.20
CA GLU B 54 -11.05 23.78 -2.94
C GLU B 54 -9.83 24.43 -2.27
N GLY B 55 -9.27 25.48 -2.82
CA GLY B 55 -8.17 26.18 -2.13
C GLY B 55 -6.79 25.77 -2.56
N GLY B 56 -6.67 25.00 -3.65
CA GLY B 56 -5.34 24.57 -4.11
C GLY B 56 -4.93 25.25 -5.37
N ARG B 57 -3.84 24.70 -5.95
CA ARG B 57 -3.20 25.31 -7.10
C ARG B 57 -3.00 24.25 -8.18
N ALA B 58 -3.29 24.57 -9.39
CA ALA B 58 -3.13 23.65 -10.53
C ALA B 58 -3.08 24.43 -11.81
N PHE B 59 -2.63 23.80 -12.89
CA PHE B 59 -2.70 24.42 -14.23
C PHE B 59 -2.76 23.32 -15.26
N PRO B 60 -3.35 23.54 -16.42
CA PRO B 60 -3.47 22.50 -17.43
C PRO B 60 -2.24 22.43 -18.35
N VAL B 61 -1.96 21.23 -18.84
CA VAL B 61 -0.85 20.99 -19.80
C VAL B 61 -1.38 20.07 -20.89
N ARG B 62 -1.34 20.52 -22.13
CA ARG B 62 -1.80 19.71 -23.24
C ARG B 62 -0.64 18.96 -23.91
N ALA B 63 -0.76 17.64 -24.07
CA ALA B 63 0.22 16.92 -24.92
C ALA B 63 -0.35 15.60 -25.27
N GLU B 64 -0.59 15.34 -26.53
CA GLU B 64 -0.87 13.98 -27.04
CA GLU B 64 -0.92 13.95 -26.92
C GLU B 64 0.35 13.09 -26.81
N LEU B 65 0.19 11.96 -26.11
CA LEU B 65 1.23 10.98 -25.95
C LEU B 65 1.11 9.94 -27.05
N GLY B 66 2.26 9.35 -27.36
CA GLY B 66 2.40 8.29 -28.33
C GLY B 66 2.63 8.80 -29.71
N VAL B 67 3.04 10.04 -29.89
CA VAL B 67 3.40 10.67 -31.15
C VAL B 67 4.75 11.35 -31.00
N ALA B 68 5.42 11.58 -32.11
CA ALA B 68 6.69 12.31 -32.13
C ALA B 68 6.53 13.64 -31.43
N GLY B 69 7.50 13.91 -30.55
CA GLY B 69 7.58 15.19 -29.86
C GLY B 69 6.76 15.23 -28.59
N ASP B 70 6.09 14.16 -28.22
CA ASP B 70 5.15 14.15 -27.06
C ASP B 70 5.83 14.56 -25.73
N VAL B 71 6.94 13.93 -25.37
CA VAL B 71 7.56 14.23 -24.09
C VAL B 71 8.04 15.69 -24.08
N HIS B 72 8.63 16.12 -25.18
CA HIS B 72 9.10 17.50 -25.27
C HIS B 72 7.92 18.47 -25.10
N GLU B 73 6.83 18.21 -25.78
CA GLU B 73 5.66 19.12 -25.70
CA GLU B 73 5.66 19.10 -25.71
C GLU B 73 5.16 19.16 -24.26
N LEU B 74 5.04 17.99 -23.62
CA LEU B 74 4.50 17.95 -22.27
C LEU B 74 5.41 18.76 -21.35
N PHE B 75 6.72 18.50 -21.41
CA PHE B 75 7.65 19.18 -20.49
C PHE B 75 7.79 20.65 -20.84
N LEU B 76 7.58 21.11 -22.02
CA LEU B 76 7.51 22.56 -22.32
C LEU B 76 6.41 23.18 -21.47
N GLY B 77 5.22 22.64 -21.49
CA GLY B 77 4.11 23.19 -20.79
C GLY B 77 4.28 23.05 -19.30
N LEU B 78 4.76 21.87 -18.86
CA LEU B 78 4.96 21.66 -17.42
C LEU B 78 5.96 22.67 -16.86
N GLU B 79 7.14 22.74 -17.47
CA GLU B 79 8.18 23.58 -16.89
C GLU B 79 7.77 25.04 -16.97
N GLN B 80 7.09 25.46 -18.04
CA GLN B 80 6.64 26.87 -18.08
C GLN B 80 5.71 27.16 -16.93
N GLY B 81 4.77 26.27 -16.65
CA GLY B 81 3.80 26.50 -15.58
C GLY B 81 4.41 26.44 -14.21
N LEU B 82 5.35 25.51 -13.99
CA LEU B 82 6.02 25.45 -12.69
C LEU B 82 6.87 26.69 -12.50
N LYS B 83 7.56 27.13 -13.53
CA LYS B 83 8.46 28.30 -13.38
C LYS B 83 7.61 29.52 -13.09
N GLU B 84 6.51 29.69 -13.79
CA GLU B 84 5.66 30.89 -13.55
C GLU B 84 5.20 30.89 -12.13
N ARG B 85 4.85 29.76 -11.53
CA ARG B 85 4.19 29.73 -10.22
C ARG B 85 5.16 29.54 -9.08
N THR B 86 6.40 29.15 -9.29
CA THR B 86 7.29 28.77 -8.19
C THR B 86 8.69 29.34 -8.41
N GLY B 87 9.01 29.74 -9.63
CA GLY B 87 10.36 30.18 -10.00
C GLY B 87 11.27 29.00 -10.24
N GLU B 88 10.80 27.75 -10.16
CA GLU B 88 11.66 26.55 -10.28
C GLU B 88 10.94 25.60 -11.26
N THR B 89 11.64 24.59 -11.69
CA THR B 89 11.06 23.53 -12.55
C THR B 89 11.13 22.17 -11.85
N THR B 90 11.31 22.14 -10.58
CA THR B 90 11.34 20.90 -9.77
C THR B 90 10.06 20.10 -9.96
N LEU B 91 10.21 18.78 -10.13
CA LEU B 91 9.07 17.86 -10.22
C LEU B 91 9.24 16.82 -9.14
N ASP B 92 8.41 16.82 -8.15
CA ASP B 92 8.48 15.87 -7.03
C ASP B 92 7.79 14.56 -7.35
N ILE B 93 6.65 14.61 -8.03
CA ILE B 93 5.75 13.45 -8.17
C ILE B 93 5.37 13.33 -9.63
N LEU B 94 5.53 12.14 -10.21
CA LEU B 94 5.01 11.80 -11.52
C LEU B 94 4.04 10.67 -11.35
N VAL B 95 2.82 10.83 -11.82
CA VAL B 95 1.85 9.74 -11.91
C VAL B 95 1.60 9.43 -13.36
N ASN B 96 2.00 8.26 -13.80
CA ASN B 96 1.77 7.78 -15.18
C ASN B 96 0.38 7.12 -15.19
N ASN B 97 -0.64 7.92 -15.42
CA ASN B 97 -2.04 7.52 -15.37
C ASN B 97 -2.70 7.46 -16.74
N ALA B 98 -2.37 8.36 -17.64
CA ALA B 98 -3.00 8.38 -18.99
C ALA B 98 -2.80 7.03 -19.67
N ALA B 99 -3.80 6.58 -20.38
CA ALA B 99 -3.73 5.33 -21.12
C ALA B 99 -4.76 5.31 -22.19
N VAL B 100 -4.58 4.49 -23.19
CA VAL B 100 -5.60 4.10 -24.19
C VAL B 100 -6.18 2.78 -23.78
N THR B 101 -7.49 2.72 -24.02
CA THR B 101 -8.32 1.51 -23.88
C THR B 101 -9.53 1.57 -24.81
N GLY B 102 -10.28 0.45 -24.90
CA GLY B 102 -11.60 0.35 -25.56
C GLY B 102 -12.73 0.45 -24.52
N VAL B 103 -13.99 0.66 -24.91
CA VAL B 103 -15.14 0.27 -24.04
C VAL B 103 -15.16 -1.28 -23.83
N ASP B 104 -14.85 -2.27 -24.76
CA ASP B 104 -15.06 -3.75 -24.42
C ASP B 104 -13.98 -4.75 -24.96
N GLY B 105 -12.82 -4.28 -25.08
CA GLY B 105 -11.61 -4.96 -25.54
C GLY B 105 -11.65 -5.34 -27.01
N ILE B 106 -10.80 -6.28 -27.39
CA ILE B 106 -10.60 -6.71 -28.80
C ILE B 106 -10.30 -8.18 -28.70
N LEU B 107 -11.06 -8.99 -29.39
CA LEU B 107 -10.78 -10.44 -29.37
C LEU B 107 -9.42 -10.69 -29.96
N PRO B 108 -8.66 -11.68 -29.45
CA PRO B 108 -7.27 -11.83 -29.91
C PRO B 108 -7.16 -11.96 -31.43
N GLU B 109 -8.10 -12.65 -32.06
CA GLU B 109 -8.03 -12.84 -33.52
C GLU B 109 -8.19 -11.53 -34.27
N ASP B 110 -8.72 -10.50 -33.68
CA ASP B 110 -9.03 -9.23 -34.34
C ASP B 110 -8.04 -8.15 -34.03
N VAL B 111 -7.06 -8.42 -33.15
CA VAL B 111 -6.05 -7.41 -32.83
C VAL B 111 -5.17 -7.19 -34.06
N THR B 112 -4.92 -5.96 -34.42
CA THR B 112 -4.08 -5.63 -35.56
C THR B 112 -2.75 -5.06 -35.11
N ALA B 113 -1.77 -5.06 -35.98
CA ALA B 113 -0.46 -4.45 -35.73
C ALA B 113 -0.62 -3.02 -35.35
N GLU B 114 -1.46 -2.27 -36.04
CA GLU B 114 -1.62 -0.84 -35.71
C GLU B 114 -2.18 -0.66 -34.29
N GLN B 115 -3.10 -1.49 -33.90
CA GLN B 115 -3.61 -1.44 -32.52
C GLN B 115 -2.52 -1.78 -31.52
N LEU B 116 -1.74 -2.81 -31.74
CA LEU B 116 -0.63 -3.15 -30.83
C LEU B 116 0.26 -1.93 -30.73
N ASP B 117 0.57 -1.28 -31.81
CA ASP B 117 1.50 -0.13 -31.78
C ASP B 117 0.89 1.00 -30.97
N ARG B 118 -0.38 1.30 -31.13
CA ARG B 118 -0.99 2.46 -30.44
C ARG B 118 -1.03 2.18 -28.94
N TYR B 119 -1.47 1.00 -28.56
CA TYR B 119 -1.49 0.65 -27.15
C TYR B 119 -0.10 0.79 -26.55
N TYR B 120 0.90 0.25 -27.18
CA TYR B 120 2.36 0.26 -26.75
CA TYR B 120 2.19 0.28 -26.55
C TYR B 120 2.78 1.70 -26.58
N ALA B 121 2.55 2.50 -27.62
CA ALA B 121 3.07 3.86 -27.69
C ALA B 121 2.56 4.67 -26.51
N VAL B 122 1.29 4.58 -26.20
CA VAL B 122 0.73 5.40 -25.13
C VAL B 122 0.96 4.78 -23.77
N ASN B 123 0.79 3.46 -23.66
CA ASN B 123 0.64 2.83 -22.34
C ASN B 123 1.96 2.29 -21.75
N ALA B 124 2.97 2.13 -22.57
CA ALA B 124 4.27 1.58 -22.11
C ALA B 124 5.44 2.46 -22.51
N LYS B 125 5.57 2.79 -23.81
CA LYS B 125 6.69 3.59 -24.27
C LYS B 125 6.63 4.99 -23.66
N ALA B 126 5.52 5.68 -23.77
CA ALA B 126 5.44 7.05 -23.23
C ALA B 126 5.74 7.06 -21.74
N PRO B 127 5.17 6.18 -20.93
CA PRO B 127 5.54 6.20 -19.52
C PRO B 127 7.04 6.02 -19.27
N PHE B 128 7.70 5.14 -20.01
CA PHE B 128 9.16 5.03 -19.81
C PHE B 128 9.83 6.33 -20.13
N LEU B 129 9.55 6.92 -21.28
CA LEU B 129 10.23 8.15 -21.68
C LEU B 129 9.85 9.31 -20.75
N LEU B 130 8.65 9.32 -20.18
CA LEU B 130 8.30 10.33 -19.21
C LEU B 130 9.10 10.14 -17.94
N VAL B 131 9.30 8.94 -17.44
CA VAL B 131 10.18 8.72 -16.28
C VAL B 131 11.58 9.20 -16.59
N GLN B 132 12.10 8.83 -17.73
CA GLN B 132 13.48 9.19 -18.13
C GLN B 132 13.63 10.71 -18.08
N ARG B 133 12.66 11.45 -18.61
CA ARG B 133 12.77 12.91 -18.62
C ARG B 133 12.44 13.50 -17.25
N ALA B 134 11.49 12.96 -16.54
CA ALA B 134 11.04 13.50 -15.23
C ALA B 134 12.15 13.51 -14.22
N VAL B 135 13.04 12.52 -14.24
CA VAL B 135 14.02 12.46 -13.16
C VAL B 135 15.05 13.55 -13.29
N ARG B 136 15.13 14.24 -14.42
CA ARG B 136 16.09 15.35 -14.56
C ARG B 136 15.77 16.44 -13.57
N ASN B 137 14.52 16.62 -13.25
CA ASN B 137 13.84 17.65 -12.48
C ASN B 137 13.60 17.19 -11.06
N MET B 138 13.90 15.93 -10.70
CA MET B 138 13.29 15.33 -9.50
C MET B 138 14.29 15.25 -8.39
N PRO B 139 13.94 15.85 -7.22
CA PRO B 139 14.86 15.81 -6.08
C PRO B 139 14.85 14.47 -5.41
N ASP B 140 15.83 14.28 -4.59
CA ASP B 140 15.89 13.08 -3.83
C ASP B 140 14.68 13.05 -3.00
N GLY B 141 14.07 11.87 -2.91
CA GLY B 141 12.87 11.76 -2.16
C GLY B 141 11.57 11.85 -3.01
N GLY B 142 11.68 11.91 -4.32
CA GLY B 142 10.57 11.93 -5.26
C GLY B 142 9.80 10.64 -5.34
N ARG B 143 8.77 10.70 -6.17
CA ARG B 143 7.78 9.59 -6.30
C ARG B 143 7.42 9.40 -7.74
N ILE B 144 7.50 8.19 -8.22
CA ILE B 144 6.99 7.80 -9.55
C ILE B 144 5.95 6.73 -9.32
N ILE B 145 4.75 6.91 -9.84
CA ILE B 145 3.64 6.02 -9.58
C ILE B 145 3.07 5.65 -10.94
N ASN B 146 3.12 4.37 -11.25
CA ASN B 146 2.59 3.86 -12.54
C ASN B 146 1.23 3.20 -12.31
N ILE B 147 0.21 3.66 -13.01
CA ILE B 147 -1.13 3.08 -12.85
C ILE B 147 -1.24 1.92 -13.83
N SER B 148 -1.34 0.71 -13.28
CA SER B 148 -1.41 -0.52 -14.06
C SER B 148 -2.87 -0.99 -14.16
N SER B 149 -3.09 -2.28 -13.98
CA SER B 149 -4.42 -2.91 -14.02
C SER B 149 -4.29 -4.27 -13.40
N GLY B 150 -5.32 -4.70 -12.69
CA GLY B 150 -5.35 -6.07 -12.24
C GLY B 150 -5.37 -7.11 -13.36
N LEU B 151 -5.65 -6.69 -14.58
CA LEU B 151 -5.61 -7.63 -15.71
C LEU B 151 -4.21 -8.20 -15.93
N THR B 152 -3.16 -7.68 -15.38
CA THR B 152 -1.85 -8.33 -15.49
C THR B 152 -1.80 -9.62 -14.68
N ARG B 153 -2.81 -9.87 -13.84
CA ARG B 153 -2.88 -11.06 -12.98
CA ARG B 153 -2.89 -11.06 -12.97
C ARG B 153 -4.16 -11.83 -13.24
N CYS B 154 -5.02 -11.46 -14.12
CA CYS B 154 -6.31 -12.12 -14.30
CA CYS B 154 -6.40 -12.01 -14.29
C CYS B 154 -6.60 -12.24 -15.80
N ALA B 155 -6.66 -13.47 -16.27
CA ALA B 155 -6.75 -13.74 -17.71
C ALA B 155 -8.09 -13.25 -18.25
N VAL B 156 -8.06 -12.50 -19.30
CA VAL B 156 -9.26 -11.99 -19.98
C VAL B 156 -8.82 -11.84 -21.47
N PRO B 157 -9.14 -12.84 -22.28
CA PRO B 157 -8.63 -12.84 -23.65
C PRO B 157 -8.84 -11.56 -24.45
N GLU B 158 -10.00 -10.93 -24.31
CA GLU B 158 -10.32 -9.74 -25.06
C GLU B 158 -9.60 -8.51 -24.53
N GLN B 159 -8.77 -8.64 -23.52
CA GLN B 159 -7.86 -7.58 -23.06
C GLN B 159 -6.43 -7.93 -23.25
N VAL B 160 -6.09 -8.92 -24.08
CA VAL B 160 -4.67 -9.27 -24.23
C VAL B 160 -3.84 -8.08 -24.70
N ALA B 161 -4.29 -7.29 -25.67
CA ALA B 161 -3.46 -6.22 -26.20
C ALA B 161 -3.23 -5.13 -25.14
N TYR B 162 -4.26 -4.71 -24.45
CA TYR B 162 -4.12 -3.75 -23.36
C TYR B 162 -3.19 -4.33 -22.31
N SER B 163 -3.41 -5.57 -21.92
CA SER B 163 -2.70 -6.16 -20.78
C SER B 163 -1.20 -6.28 -21.10
N MET B 164 -0.84 -6.61 -22.35
CA MET B 164 0.59 -6.62 -22.72
C MET B 164 1.26 -5.33 -22.31
N THR B 165 0.58 -4.19 -22.55
CA THR B 165 1.21 -2.89 -22.29
C THR B 165 1.30 -2.64 -20.80
N LYS B 166 0.36 -3.11 -20.01
CA LYS B 166 0.44 -2.97 -18.56
C LYS B 166 1.52 -3.89 -18.00
N GLY B 167 1.75 -5.04 -18.60
CA GLY B 167 2.85 -5.91 -18.21
C GLY B 167 4.15 -5.22 -18.44
N ALA B 168 4.30 -4.52 -19.56
CA ALA B 168 5.50 -3.72 -19.83
C ALA B 168 5.66 -2.57 -18.84
N LEU B 169 4.56 -1.89 -18.55
CA LEU B 169 4.59 -0.76 -17.58
C LEU B 169 5.08 -1.24 -16.24
N GLU B 170 4.64 -2.41 -15.78
CA GLU B 170 5.02 -2.88 -14.46
C GLU B 170 6.52 -3.19 -14.44
N GLN B 171 7.15 -3.54 -15.55
CA GLN B 171 8.60 -3.72 -15.59
C GLN B 171 9.31 -2.40 -15.40
N ILE B 172 8.73 -1.27 -15.84
CA ILE B 172 9.33 0.02 -15.49
C ILE B 172 9.40 0.15 -13.98
N THR B 173 8.30 -0.20 -13.27
CA THR B 173 8.31 -0.16 -11.81
C THR B 173 9.46 -0.96 -11.25
N LEU B 174 9.60 -2.22 -11.62
CA LEU B 174 10.60 -3.12 -11.02
C LEU B 174 12.00 -2.58 -11.21
N HIS B 175 12.36 -2.33 -12.48
CA HIS B 175 13.75 -2.05 -12.78
C HIS B 175 14.10 -0.61 -12.42
N MET B 176 13.18 0.33 -12.61
CA MET B 176 13.50 1.72 -12.24
C MET B 176 13.48 1.88 -10.73
N ALA B 177 12.74 1.10 -9.96
CA ALA B 177 12.84 1.17 -8.50
C ALA B 177 14.25 0.91 -8.06
N LYS B 178 14.90 -0.11 -8.64
CA LYS B 178 16.28 -0.40 -8.26
CA LYS B 178 16.29 -0.39 -8.25
C LYS B 178 17.18 0.75 -8.74
N HIS B 179 16.99 1.20 -9.95
CA HIS B 179 17.86 2.26 -10.51
C HIS B 179 17.83 3.53 -9.68
N LEU B 180 16.64 3.91 -9.24
CA LEU B 180 16.43 5.24 -8.63
C LEU B 180 16.54 5.21 -7.11
N ALA B 181 16.65 4.04 -6.52
CA ALA B 181 16.74 3.88 -5.05
C ALA B 181 17.88 4.73 -4.46
N PRO B 182 19.06 4.82 -5.08
CA PRO B 182 20.14 5.62 -4.50
C PRO B 182 19.75 7.08 -4.36
N ARG B 183 18.81 7.58 -5.14
CA ARG B 183 18.31 8.95 -5.03
C ARG B 183 17.17 9.03 -4.04
N GLY B 184 16.70 7.97 -3.47
CA GLY B 184 15.54 8.03 -2.61
C GLY B 184 14.29 8.31 -3.39
N ILE B 185 14.23 8.04 -4.64
CA ILE B 185 13.00 8.15 -5.43
C ILE B 185 12.37 6.79 -5.44
N THR B 186 11.14 6.66 -5.04
CA THR B 186 10.42 5.37 -5.10
C THR B 186 9.66 5.27 -6.38
N VAL B 187 9.46 4.02 -6.81
CA VAL B 187 8.75 3.72 -8.05
C VAL B 187 7.80 2.55 -7.76
N ASN B 188 6.51 2.72 -7.92
CA ASN B 188 5.52 1.70 -7.58
C ASN B 188 4.43 1.62 -8.61
N SER B 189 3.82 0.46 -8.71
CA SER B 189 2.62 0.26 -9.51
C SER B 189 1.39 0.26 -8.64
N VAL B 190 0.33 0.91 -9.05
CA VAL B 190 -0.98 0.82 -8.41
C VAL B 190 -1.93 0.23 -9.42
N ALA B 191 -2.57 -0.88 -9.08
CA ALA B 191 -3.37 -1.64 -10.03
C ALA B 191 -4.85 -1.56 -9.68
N PRO B 192 -5.64 -0.78 -10.44
CA PRO B 192 -7.09 -0.77 -10.24
C PRO B 192 -7.73 -2.01 -10.82
N GLY B 193 -8.98 -2.26 -10.35
CA GLY B 193 -9.91 -3.07 -11.11
C GLY B 193 -10.89 -2.20 -11.82
N ILE B 194 -12.07 -2.72 -12.13
CA ILE B 194 -13.10 -1.91 -12.83
C ILE B 194 -13.43 -0.71 -11.96
N THR B 195 -13.36 0.46 -12.54
CA THR B 195 -13.47 1.71 -11.80
C THR B 195 -14.30 2.72 -12.61
N ASP B 196 -15.28 3.31 -11.95
CA ASP B 196 -16.16 4.31 -12.61
C ASP B 196 -15.35 5.53 -12.93
N ASN B 197 -15.17 5.78 -14.21
CA ASN B 197 -14.40 6.92 -14.74
C ASN B 197 -15.32 7.94 -15.36
N GLY B 198 -16.62 7.83 -15.16
CA GLY B 198 -17.54 8.81 -15.75
C GLY B 198 -17.96 8.42 -17.14
N GLY B 199 -17.52 7.33 -17.69
CA GLY B 199 -17.91 6.85 -19.01
C GLY B 199 -19.37 6.57 -19.02
N ALA B 200 -19.99 6.61 -20.16
CA ALA B 200 -21.43 6.38 -20.23
C ALA B 200 -21.84 5.00 -19.75
N VAL B 201 -21.03 4.00 -19.84
CA VAL B 201 -21.41 2.62 -19.38
C VAL B 201 -21.72 2.65 -17.89
N PHE B 202 -21.12 3.56 -17.16
CA PHE B 202 -21.33 3.60 -15.68
C PHE B 202 -22.71 4.22 -15.36
N ASP B 203 -23.45 4.71 -16.37
CA ASP B 203 -24.81 5.27 -16.19
C ASP B 203 -25.84 4.16 -16.43
N ILE B 204 -25.43 2.94 -16.77
CA ILE B 204 -26.37 1.84 -17.11
C ILE B 204 -26.39 0.88 -15.92
N PRO B 205 -27.42 0.94 -15.03
CA PRO B 205 -27.38 0.17 -13.79
C PRO B 205 -27.22 -1.35 -14.00
N GLU B 206 -27.76 -1.90 -15.08
CA GLU B 206 -27.70 -3.38 -15.29
C GLU B 206 -26.26 -3.76 -15.57
N ILE B 207 -25.55 -2.92 -16.31
CA ILE B 207 -24.15 -3.25 -16.72
C ILE B 207 -23.27 -3.03 -15.48
N VAL B 208 -23.51 -1.95 -14.77
CA VAL B 208 -22.73 -1.70 -13.53
C VAL B 208 -22.87 -2.87 -12.56
N GLU B 209 -24.08 -3.40 -12.43
CA GLU B 209 -24.28 -4.54 -11.51
C GLU B 209 -23.52 -5.77 -11.99
N GLN B 210 -23.43 -6.03 -13.31
CA GLN B 210 -22.59 -7.15 -13.80
C GLN B 210 -21.12 -6.84 -13.48
N MET B 211 -20.66 -5.64 -13.79
CA MET B 211 -19.23 -5.26 -13.55
C MET B 211 -18.87 -5.42 -12.09
N ALA B 212 -19.80 -5.03 -11.24
CA ALA B 212 -19.63 -5.04 -9.76
C ALA B 212 -19.26 -6.43 -9.26
N GLN B 213 -19.67 -7.50 -9.92
CA GLN B 213 -19.45 -8.85 -9.38
C GLN B 213 -17.96 -9.16 -9.37
N SER B 214 -17.14 -8.45 -10.15
CA SER B 214 -15.68 -8.68 -10.22
C SER B 214 -14.98 -8.33 -8.92
N SER B 215 -15.51 -7.41 -8.15
CA SER B 215 -14.92 -7.01 -6.85
C SER B 215 -15.40 -7.94 -5.75
N ALA B 216 -14.57 -8.22 -4.74
CA ALA B 216 -15.00 -8.98 -3.58
C ALA B 216 -16.07 -8.22 -2.82
N PHE B 217 -16.10 -6.91 -2.90
CA PHE B 217 -17.08 -6.03 -2.26
C PHE B 217 -18.35 -5.90 -3.09
N LYS B 218 -18.38 -6.43 -4.29
CA LYS B 218 -19.64 -6.46 -5.14
C LYS B 218 -20.11 -5.03 -5.39
N ARG B 219 -19.15 -4.09 -5.61
CA ARG B 219 -19.43 -2.76 -6.19
C ARG B 219 -18.30 -2.48 -7.12
N VAL B 220 -18.52 -1.68 -8.15
CA VAL B 220 -17.40 -1.15 -8.96
C VAL B 220 -16.62 -0.16 -8.07
N GLY B 221 -15.37 0.01 -8.41
CA GLY B 221 -14.58 1.02 -7.71
C GLY B 221 -15.03 2.41 -8.11
N GLU B 222 -14.87 3.35 -7.20
CA GLU B 222 -14.98 4.79 -7.51
C GLU B 222 -13.59 5.31 -7.85
N ALA B 223 -13.50 6.34 -8.66
CA ALA B 223 -12.21 6.95 -8.95
C ALA B 223 -11.47 7.28 -7.68
N GLY B 224 -12.17 7.79 -6.66
CA GLY B 224 -11.50 8.18 -5.45
C GLY B 224 -10.97 6.99 -4.68
N ASP B 225 -11.53 5.80 -4.82
CA ASP B 225 -10.97 4.60 -4.16
C ASP B 225 -9.55 4.37 -4.58
N VAL B 226 -9.27 4.47 -5.87
CA VAL B 226 -7.93 4.32 -6.42
C VAL B 226 -7.08 5.52 -6.12
N ALA B 227 -7.63 6.71 -6.32
CA ALA B 227 -6.87 7.94 -6.10
C ALA B 227 -6.40 8.07 -4.66
N ASP B 228 -7.18 7.57 -3.70
CA ASP B 228 -6.75 7.64 -2.29
C ASP B 228 -5.49 6.82 -2.09
N VAL B 229 -5.37 5.69 -2.76
CA VAL B 229 -4.13 4.86 -2.65
C VAL B 229 -2.97 5.55 -3.33
N VAL B 230 -3.19 6.09 -4.51
CA VAL B 230 -2.13 6.85 -5.22
C VAL B 230 -1.60 7.98 -4.35
N THR B 231 -2.53 8.71 -3.71
CA THR B 231 -2.20 9.85 -2.86
C THR B 231 -1.31 9.39 -1.73
N PHE B 232 -1.67 8.33 -1.02
CA PHE B 232 -0.79 7.81 0.04
C PHE B 232 0.60 7.50 -0.51
N ILE B 233 0.68 6.83 -1.66
CA ILE B 233 2.01 6.49 -2.20
C ILE B 233 2.82 7.77 -2.41
N ALA B 234 2.18 8.84 -2.87
CA ALA B 234 2.88 10.11 -3.11
C ALA B 234 3.45 10.79 -1.85
N THR B 235 3.00 10.38 -0.66
CA THR B 235 3.42 11.02 0.59
C THR B 235 4.70 10.43 1.15
N ASP B 236 5.23 11.11 2.17
CA ASP B 236 6.47 10.64 2.80
C ASP B 236 6.30 9.30 3.48
N GLU B 237 5.11 9.00 3.99
CA GLU B 237 4.89 7.78 4.80
C GLU B 237 4.96 6.50 3.99
N SER B 238 5.05 6.57 2.68
CA SER B 238 5.26 5.40 1.84
C SER B 238 6.74 5.17 1.54
N ARG B 239 7.66 5.84 2.19
CA ARG B 239 9.09 5.85 1.78
C ARG B 239 9.68 4.45 1.75
N TRP B 240 9.14 3.50 2.52
CA TRP B 240 9.73 2.18 2.61
C TRP B 240 9.08 1.21 1.64
N ILE B 241 8.24 1.70 0.76
CA ILE B 241 7.58 0.93 -0.32
C ILE B 241 8.24 1.35 -1.63
N THR B 242 8.96 0.42 -2.29
CA THR B 242 9.44 0.72 -3.65
C THR B 242 9.50 -0.58 -4.42
N GLY B 243 9.29 -0.46 -5.71
CA GLY B 243 9.26 -1.61 -6.59
C GLY B 243 8.06 -2.49 -6.41
N ALA B 244 7.00 -1.99 -5.83
CA ALA B 244 5.86 -2.83 -5.39
C ALA B 244 4.71 -2.81 -6.36
N PHE B 245 3.94 -3.85 -6.32
CA PHE B 245 2.64 -3.96 -6.94
C PHE B 245 1.59 -3.71 -5.89
N ILE B 246 0.88 -2.64 -5.92
CA ILE B 246 -0.12 -2.27 -4.90
C ILE B 246 -1.50 -2.55 -5.50
N ASP B 247 -2.19 -3.51 -4.91
CA ASP B 247 -3.51 -3.91 -5.40
C ASP B 247 -4.56 -2.88 -4.94
N ALA B 248 -5.10 -2.14 -5.81
CA ALA B 248 -6.16 -1.18 -5.49
C ALA B 248 -7.41 -1.53 -6.32
N SER B 249 -7.83 -2.79 -6.20
CA SER B 249 -8.87 -3.39 -7.06
C SER B 249 -10.11 -3.74 -6.28
N GLY B 250 -10.20 -3.46 -5.04
CA GLY B 250 -11.38 -3.93 -4.28
C GLY B 250 -11.44 -5.42 -4.23
N GLY B 251 -10.34 -6.11 -4.08
CA GLY B 251 -10.41 -7.56 -3.97
C GLY B 251 -10.78 -8.25 -5.25
N THR B 252 -10.44 -7.72 -6.39
CA THR B 252 -10.72 -8.41 -7.68
C THR B 252 -9.81 -9.58 -7.87
N LEU B 253 -8.63 -9.58 -7.33
CA LEU B 253 -7.80 -10.76 -7.59
C LEU B 253 -8.12 -11.91 -6.60
N LEU B 254 -9.17 -11.78 -5.80
CA LEU B 254 -9.57 -12.89 -4.92
C LEU B 254 -10.37 -13.89 -5.74
N GLY B 255 -11.07 -13.43 -6.81
CA GLY B 255 -11.99 -14.25 -7.63
C GLY B 255 -13.33 -14.45 -6.96
C1 EDO C . -0.58 -24.77 20.64
O1 EDO C . 0.31 -24.87 21.78
C2 EDO C . -1.53 -23.59 20.48
O2 EDO C . -2.37 -23.09 21.58
C1 EDO D . 12.35 -20.79 18.16
O1 EDO D . 13.18 -19.96 18.93
C2 EDO D . 11.31 -21.46 19.01
O2 EDO D . 11.76 -22.58 19.82
C1 EDO E . -1.23 -15.07 -0.07
O1 EDO E . -1.78 -14.32 -1.20
C2 EDO E . 0.27 -15.09 -0.16
O2 EDO E . 0.85 -13.76 0.10
C1 EDO F . 2.55 -13.66 13.63
O1 EDO F . 3.19 -14.26 12.52
C2 EDO F . 2.04 -12.24 13.54
O2 EDO F . 2.93 -11.62 13.30
C1 EDO G . -1.56 17.13 24.84
O1 EDO G . -1.56 16.99 23.43
C2 EDO G . -0.81 16.03 25.29
O2 EDO G . 0.34 15.82 24.57
PA NAP H . 10.31 -8.02 18.43
O1A NAP H . 10.98 -6.73 18.61
O2A NAP H . 11.07 -9.27 18.55
O5B NAP H . 9.07 -8.04 19.39
C5B NAP H . 8.25 -9.22 19.46
C4B NAP H . 6.95 -8.81 20.09
O4B NAP H . 6.08 -9.99 20.08
C3B NAP H . 7.03 -8.41 21.57
O3B NAP H . 6.03 -7.48 21.87
C2B NAP H . 6.82 -9.72 22.29
O2B NAP H . 6.36 -9.64 23.64
C1B NAP H . 5.77 -10.37 21.40
N9A NAP H . 5.73 -11.82 21.47
C8A NAP H . 6.73 -12.71 21.18
N7A NAP H . 6.43 -13.93 21.41
C5A NAP H . 5.15 -13.89 21.96
C6A NAP H . 4.26 -14.87 22.42
N6A NAP H . 4.52 -16.18 22.44
N1A NAP H . 3.08 -14.47 22.90
C2A NAP H . 2.80 -13.17 22.88
N3A NAP H . 3.53 -12.14 22.40
C4A NAP H . 4.72 -12.58 21.98
O3 NAP H . 9.59 -8.07 16.99
PN NAP H . 9.80 -7.16 15.71
O1N NAP H . 11.16 -7.36 15.16
O2N NAP H . 9.31 -5.78 15.99
O5D NAP H . 8.82 -7.87 14.69
C5D NAP H . 7.40 -7.53 14.63
C4D NAP H . 6.79 -8.34 13.54
O4D NAP H . 7.45 -8.04 12.28
C3D NAP H . 6.85 -9.85 13.73
O3D NAP H . 5.72 -10.47 13.10
C2D NAP H . 8.08 -10.20 12.87
O2D NAP H . 8.15 -11.55 12.51
C1D NAP H . 7.94 -9.26 11.73
N1N NAP H . 9.19 -8.98 11.04
C2N NAP H . 10.26 -8.36 11.65
C3N NAP H . 11.43 -8.16 11.02
C7N NAP H . 12.59 -7.47 11.60
O7N NAP H . 13.68 -7.45 10.96
N7N NAP H . 12.49 -6.82 12.74
C4N NAP H . 11.58 -8.63 9.66
C5N NAP H . 10.46 -9.22 9.06
C6N NAP H . 9.32 -9.38 9.71
P2B NAP H . 7.40 -9.41 24.85
O1X NAP H . 6.53 -9.58 26.06
O2X NAP H . 8.50 -10.43 24.72
O3X NAP H . 7.96 -8.01 24.71
C4 P7K I . 15.97 -10.83 3.45
C14 P7K I . 14.62 -11.55 8.91
C5 P7K I . 15.69 -10.82 4.82
C6 P7K I . 14.40 -10.46 5.25
C11 P7K I . 17.19 -12.14 8.00
C7 P7K I . 16.72 -11.25 5.74
C8 P7K I . 16.30 -11.51 7.13
C9 P7K I . 14.97 -11.27 7.57
C10 P7K I . 14.05 -10.53 6.67
C12 P7K I . 16.86 -12.40 9.28
C13 P7K I . 15.60 -12.05 9.80
C3 P7K I . 14.97 -10.45 2.57
C1 P7K I . 13.40 -10.09 4.35
C2 P7K I . 13.69 -10.12 3.02
C15 P7K I . 15.37 -12.31 11.25
C16 P7K I . 13.90 -12.36 11.69
C17 P7K I . 13.12 -11.30 10.93
C18 P7K I . 13.23 -11.46 9.45
O1 P7K I . 17.86 -11.61 5.34
O2 P7K I . 13.07 -9.86 7.07
O3 P7K I . 12.22 -11.77 8.75
C19 P7K I . 13.41 -13.75 11.39
O4 P7K I . 13.84 -12.01 13.07
O5 P7K I . 17.23 -11.18 3.12
C20 P7K I . 17.66 -11.16 1.75
C1 EDO J . 10.06 -9.65 -7.96
O1 EDO J . 8.87 -10.26 -8.44
C2 EDO J . 10.78 -10.34 -6.87
O2 EDO J . 10.02 -10.65 -5.61
C1 EDO K . 2.49 -17.98 0.62
O1 EDO K . 1.47 -18.35 1.43
C2 EDO K . 3.34 -18.96 0.10
O2 EDO K . 4.20 -19.59 0.97
C1 EDO L . -11.63 1.77 11.61
O1 EDO L . -11.57 0.50 11.08
C2 EDO L . -10.40 2.51 11.18
O2 EDO L . -10.29 2.79 9.84
C1 EDO M . -14.61 -1.82 1.39
O1 EDO M . -13.51 -1.64 2.03
C2 EDO M . -14.92 -0.99 0.27
O2 EDO M . -15.29 0.33 0.56
C1 EDO N . 5.25 -15.13 -5.58
O1 EDO N . 4.93 -15.43 -6.98
C2 EDO N . 4.71 -13.81 -5.17
O2 EDO N . 5.38 -12.72 -5.79
C1 EDO O . 13.76 5.94 0.87
O1 EDO O . 12.52 6.10 0.46
C2 EDO O . 13.86 5.46 2.20
O2 EDO O . 13.75 6.45 3.20
C1 EDO P . -0.09 4.01 -19.03
O1 EDO P . -0.25 2.60 -19.09
C2 EDO P . -0.07 4.84 -17.80
O2 EDO P . -1.05 4.53 -17.22
C1 EDO Q . 6.98 -6.23 -11.88
O1 EDO Q . 7.38 -6.59 -10.55
C2 EDO Q . 5.70 -6.91 -12.23
O2 EDO Q . 4.54 -6.36 -11.49
PA NAP R . -10.06 7.64 -18.77
O1A NAP R . -11.29 7.95 -18.02
O2A NAP R . -10.11 6.88 -20.03
O5B NAP R . -9.22 8.96 -18.99
C5B NAP R . -8.03 8.89 -19.81
C4B NAP R . -7.18 10.08 -19.51
O4B NAP R . -5.95 9.89 -20.21
C3B NAP R . -7.77 11.42 -20.01
O3B NAP R . -7.28 12.44 -19.18
C2B NAP R . -7.21 11.49 -21.43
O2B NAP R . -7.10 12.79 -21.97
C1B NAP R . -5.83 10.90 -21.23
N9A NAP R . -5.27 10.27 -22.41
C8A NAP R . -5.76 9.19 -23.11
N7A NAP R . -5.06 8.92 -24.16
C5A NAP R . -4.07 9.89 -24.18
C6A NAP R . -3.00 10.13 -25.05
N6A NAP R . -2.73 9.44 -26.15
N1A NAP R . -2.19 11.17 -24.77
C2A NAP R . -2.41 11.86 -23.66
N3A NAP R . -3.36 11.73 -22.73
C4A NAP R . -4.16 10.69 -23.08
O3 NAP R . -9.09 6.73 -17.83
PN NAP R . -9.36 5.98 -16.47
O1N NAP R . -9.52 6.99 -15.42
O2N NAP R . -10.39 4.90 -16.64
O5D NAP R . -7.99 5.20 -16.27
C5D NAP R . -6.83 5.79 -15.64
C4D NAP R . -5.77 4.75 -15.59
O4D NAP R . -6.26 3.63 -14.81
C3D NAP R . -5.28 4.18 -16.90
O3D NAP R . -3.90 3.81 -16.84
C2D NAP R . -6.12 2.91 -17.01
O2D NAP R . -5.51 1.95 -17.87
C1D NAP R . -6.11 2.45 -15.58
N1N NAP R . -7.22 1.54 -15.26
C2N NAP R . -8.52 1.94 -15.32
C3N NAP R . -9.55 1.05 -15.11
C7N NAP R . -10.95 1.44 -15.13
O7N NAP R . -11.79 0.52 -14.95
N7N NAP R . -11.32 2.69 -15.21
C4N NAP R . -9.19 -0.29 -14.77
C5N NAP R . -7.85 -0.64 -14.60
C6N NAP R . -6.90 0.26 -14.89
P2B NAP R . -8.37 13.52 -22.66
O1X NAP R . -9.32 13.83 -21.57
O2X NAP R . -7.76 14.77 -23.28
O3X NAP R . -8.97 12.54 -23.63
C4 P7K S . -10.76 -8.24 -14.01
C14 P7K S . -10.55 -3.41 -17.12
C5 P7K S . -10.86 -6.97 -14.63
C6 P7K S . -9.93 -5.95 -14.27
C11 P7K S . -12.53 -5.38 -17.58
C7 P7K S . -11.88 -6.74 -15.64
C8 P7K S . -11.70 -5.53 -16.49
C9 P7K S . -10.69 -4.56 -16.21
C10 P7K S . -9.92 -4.67 -15.00
C12 P7K S . -12.41 -4.34 -18.41
C13 P7K S . -11.43 -3.36 -18.23
C3 P7K S . -9.77 -8.45 -13.05
C1 P7K S . -8.96 -6.18 -13.31
C2 P7K S . -8.89 -7.43 -12.72
C15 P7K S . -11.42 -2.19 -19.17
C16 P7K S . -10.04 -1.52 -19.35
C17 P7K S . -9.38 -1.28 -18.00
C18 P7K S . -9.37 -2.45 -17.10
O1 P7K S . -12.76 -7.60 -15.82
O2 P7K S . -9.21 -3.73 -14.57
O3 P7K S . -8.23 -2.81 -16.68
C19 P7K S . -9.21 -2.38 -20.25
O4 P7K S . -10.26 -0.27 -19.97
O5 P7K S . -11.69 -9.16 -14.41
C20 P7K S . -11.57 -10.53 -13.99
C1 EDO T . 6.32 -8.06 -7.46
O1 EDO T . 6.78 -9.39 -7.00
C2 EDO T . 5.25 -8.20 -8.45
O2 EDO T . 4.08 -8.88 -7.93
#